data_8ET6
#
_entry.id   8ET6
#
_cell.length_a   1.00
_cell.length_b   1.00
_cell.length_c   1.00
_cell.angle_alpha   90.00
_cell.angle_beta   90.00
_cell.angle_gamma   90.00
#
_symmetry.space_group_name_H-M   'P 1'
#
loop_
_entity.id
_entity.type
_entity.pdbx_description
1 polymer OCT1
2 branched 2-acetamido-2-deoxy-beta-D-glucopyranose-(1-4)-2-acetamido-2-deoxy-beta-D-glucopyranose
#
_entity_poly.entity_id   1
_entity_poly.type   'polypeptide(L)'
_entity_poly.pdbx_seq_one_letter_code
;MPTVDDVLEQVGEFGWFQKQAFLTLCLLSAAFAPIYVGIVFLGFTPDHRCRSPGVAELSQRCGWSLAEELNYTVPGLGAA
GEAFPRQCRRYEVDWNQSALSCVDPLASLAANRSHLPLGPCQHGWVYDTPGSSIVTEFNLVCADSWKVDLFQSCVNVGFF
LGSLGVGYIADRFGRKLCLLATTLISAVSGVLMAVAPDYTSMLLFRLLQGLVSKGSWMSGYTLITEFVGSGYRRTVAILY
QMAFTVGLVLLSGVAYAIPHWRWLQLAVSLPTFLFLLYYWCVPESPRWLLSQKRNTQAIKIMDHIAQKNGKLPPADLKML
SLKEDSTEKLSPSFADLFRTPQLRKHTFILMYLWFTSSVLYQGLIMHMGATGGNLYLDFFYSALVEFPAAFIILVTIDRV
GRIYPLAVSNLVAGAACLIMIFISQDLHWLNITVACVGRMGITIVFQMVCLVNAELYPTFIRNLGVMVCSSLCDLGGIIT
PFLVFRLMEVWQGLPLILFTVVGLVAGGMTLLLPETKGVALPETIEDAENLGRKAKPKENTIYLQVQTSELPGT
;
_entity_poly.pdbx_strand_id   A
#
loop_
_chem_comp.id
_chem_comp.type
_chem_comp.name
_chem_comp.formula
NAG D-saccharide, beta linking 2-acetamido-2-deoxy-beta-D-glucopyranose 'C8 H15 N O6'
#
# COMPACT_ATOMS: atom_id res chain seq x y z
N PRO A 2 -23.19 -24.20 23.53
CA PRO A 2 -23.64 -22.90 23.01
C PRO A 2 -22.48 -21.94 22.77
N THR A 3 -21.46 -22.42 22.08
CA THR A 3 -20.30 -21.59 21.73
C THR A 3 -20.60 -20.77 20.49
N VAL A 4 -19.80 -19.72 20.29
CA VAL A 4 -20.05 -18.79 19.19
C VAL A 4 -19.96 -19.50 17.85
N ASP A 5 -18.99 -20.40 17.70
CA ASP A 5 -18.80 -21.06 16.42
C ASP A 5 -19.97 -21.97 16.08
N ASP A 6 -20.42 -22.77 17.04
CA ASP A 6 -21.51 -23.71 16.77
C ASP A 6 -22.80 -22.98 16.40
N VAL A 7 -23.16 -21.95 17.16
CA VAL A 7 -24.38 -21.20 16.83
C VAL A 7 -24.26 -20.56 15.46
N LEU A 8 -23.04 -20.10 15.12
CA LEU A 8 -22.83 -19.53 13.79
C LEU A 8 -23.05 -20.58 12.70
N GLU A 9 -22.63 -21.83 12.97
CA GLU A 9 -22.89 -22.90 12.02
C GLU A 9 -24.38 -23.13 11.84
N GLN A 10 -25.12 -23.14 12.95
CA GLN A 10 -26.56 -23.41 12.88
C GLN A 10 -27.28 -22.32 12.10
N VAL A 11 -26.89 -21.06 12.29
CA VAL A 11 -27.55 -19.94 11.61
C VAL A 11 -26.94 -19.64 10.24
N GLY A 12 -26.02 -20.48 9.76
CA GLY A 12 -25.45 -20.29 8.44
C GLY A 12 -24.09 -19.64 8.46
N GLU A 13 -23.05 -20.37 8.07
CA GLU A 13 -21.70 -19.83 8.12
C GLU A 13 -21.52 -18.70 7.11
N PHE A 14 -22.00 -18.89 5.88
CA PHE A 14 -21.91 -17.87 4.84
C PHE A 14 -23.29 -17.74 4.19
N GLY A 15 -24.17 -16.97 4.83
CA GLY A 15 -25.51 -16.75 4.34
C GLY A 15 -25.63 -15.48 3.54
N TRP A 16 -26.87 -15.05 3.33
CA TRP A 16 -27.09 -13.80 2.60
C TRP A 16 -26.61 -12.61 3.41
N PHE A 17 -26.61 -12.71 4.74
CA PHE A 17 -26.06 -11.64 5.56
C PHE A 17 -24.56 -11.48 5.31
N GLN A 18 -23.84 -12.60 5.27
CA GLN A 18 -22.40 -12.51 5.06
C GLN A 18 -22.09 -11.87 3.71
N LYS A 19 -22.87 -12.20 2.68
CA LYS A 19 -22.63 -11.64 1.36
C LYS A 19 -22.82 -10.12 1.37
N GLN A 20 -23.89 -9.63 1.98
CA GLN A 20 -24.12 -8.19 2.04
C GLN A 20 -23.03 -7.48 2.83
N ALA A 21 -22.66 -8.05 3.98
CA ALA A 21 -21.61 -7.42 4.79
C ALA A 21 -20.30 -7.38 4.03
N PHE A 22 -19.96 -8.48 3.34
CA PHE A 22 -18.73 -8.50 2.56
C PHE A 22 -18.78 -7.50 1.42
N LEU A 23 -19.94 -7.34 0.78
CA LEU A 23 -20.05 -6.36 -0.28
C LEU A 23 -19.73 -4.97 0.24
N THR A 24 -20.29 -4.62 1.40
CA THR A 24 -20.02 -3.30 1.96
C THR A 24 -18.55 -3.16 2.32
N LEU A 25 -17.96 -4.17 2.95
CA LEU A 25 -16.58 -4.03 3.39
C LEU A 25 -15.64 -3.99 2.19
N CYS A 26 -15.97 -4.72 1.13
CA CYS A 26 -15.22 -4.59 -0.12
C CYS A 26 -15.37 -3.19 -0.73
N LEU A 27 -16.56 -2.61 -0.68
CA LEU A 27 -16.71 -1.23 -1.12
C LEU A 27 -15.79 -0.31 -0.32
N LEU A 28 -15.61 -0.62 0.96
CA LEU A 28 -14.63 0.11 1.76
C LEU A 28 -13.20 -0.21 1.33
N SER A 29 -12.97 -1.41 0.81
CA SER A 29 -11.60 -1.86 0.54
C SER A 29 -10.90 -0.94 -0.45
N ALA A 30 -11.60 -0.51 -1.49
CA ALA A 30 -10.96 0.27 -2.53
C ALA A 30 -10.43 1.60 -1.99
N ALA A 31 -11.06 2.13 -0.94
CA ALA A 31 -10.68 3.44 -0.44
C ALA A 31 -9.22 3.49 0.02
N PHE A 32 -8.61 2.34 0.31
CA PHE A 32 -7.23 2.32 0.71
C PHE A 32 -6.26 2.39 -0.45
N ALA A 33 -6.74 2.23 -1.69
CA ALA A 33 -5.84 2.32 -2.83
C ALA A 33 -5.23 3.71 -3.00
N PRO A 34 -5.99 4.81 -2.98
CA PRO A 34 -5.35 6.12 -3.14
C PRO A 34 -4.27 6.43 -2.12
N ILE A 35 -4.46 6.04 -0.86
CA ILE A 35 -3.46 6.36 0.15
C ILE A 35 -2.26 5.44 0.03
N TYR A 36 -2.46 4.20 -0.40
CA TYR A 36 -1.37 3.25 -0.49
C TYR A 36 -0.55 3.42 -1.76
N VAL A 37 -1.17 3.89 -2.84
CA VAL A 37 -0.44 4.00 -4.10
C VAL A 37 0.76 4.91 -3.94
N GLY A 38 0.68 5.87 -3.02
CA GLY A 38 1.80 6.72 -2.73
C GLY A 38 1.78 8.01 -3.53
N ILE A 39 2.97 8.58 -3.69
CA ILE A 39 3.10 9.85 -4.38
C ILE A 39 2.75 9.71 -5.86
N VAL A 40 2.93 8.51 -6.42
CA VAL A 40 2.68 8.32 -7.85
C VAL A 40 1.25 8.70 -8.20
N PHE A 41 1.07 9.28 -9.39
CA PHE A 41 -0.17 9.89 -9.86
C PHE A 41 -0.45 11.24 -9.20
N LEU A 42 0.34 11.62 -8.20
CA LEU A 42 0.19 12.92 -7.55
C LEU A 42 1.48 13.71 -7.49
N GLY A 43 2.63 13.08 -7.73
CA GLY A 43 3.90 13.78 -7.74
C GLY A 43 4.81 13.33 -8.85
N PHE A 44 4.23 12.88 -9.95
CA PHE A 44 5.03 12.49 -11.11
C PHE A 44 5.73 13.71 -11.68
N THR A 45 7.04 13.59 -11.90
CA THR A 45 7.84 14.72 -12.34
C THR A 45 8.01 14.66 -13.85
N PRO A 46 7.39 15.55 -14.61
CA PRO A 46 7.56 15.53 -16.07
C PRO A 46 8.81 16.27 -16.49
N ASP A 47 9.04 16.31 -17.80
CA ASP A 47 10.17 17.07 -18.34
C ASP A 47 9.97 18.55 -18.05
N HIS A 48 11.09 19.25 -17.86
CA HIS A 48 11.03 20.65 -17.45
C HIS A 48 12.29 21.36 -17.89
N ARG A 49 12.11 22.56 -18.47
CA ARG A 49 13.22 23.42 -18.85
C ARG A 49 12.93 24.82 -18.34
N CYS A 50 13.96 25.67 -18.37
CA CYS A 50 13.83 27.01 -17.81
C CYS A 50 13.00 27.88 -18.77
N ARG A 51 11.92 28.44 -18.24
CA ARG A 51 11.11 29.36 -19.02
C ARG A 51 11.91 30.60 -19.37
N SER A 52 11.76 31.07 -20.60
CA SER A 52 12.37 32.31 -21.03
C SER A 52 11.33 33.19 -21.71
N PRO A 53 11.33 34.51 -21.44
CA PRO A 53 10.33 35.35 -22.10
C PRO A 53 10.59 35.55 -23.58
N GLY A 54 11.86 35.60 -24.00
CA GLY A 54 12.17 35.91 -25.38
C GLY A 54 11.75 34.82 -26.34
N VAL A 55 11.75 33.56 -25.88
CA VAL A 55 11.44 32.44 -26.78
C VAL A 55 9.99 32.54 -27.25
N ALA A 56 9.10 33.04 -26.40
CA ALA A 56 7.69 33.13 -26.78
C ALA A 56 7.51 33.98 -28.03
N GLU A 57 8.26 35.08 -28.14
CA GLU A 57 8.16 35.93 -29.32
C GLU A 57 8.63 35.20 -30.58
N LEU A 58 9.79 34.55 -30.52
CA LEU A 58 10.35 33.89 -31.69
C LEU A 58 9.50 32.70 -32.11
N SER A 59 8.83 32.05 -31.14
CA SER A 59 8.14 30.80 -31.43
C SER A 59 7.12 30.95 -32.56
N GLN A 60 6.50 32.12 -32.68
CA GLN A 60 5.49 32.34 -33.71
C GLN A 60 6.07 32.87 -35.01
N ARG A 61 7.25 33.49 -34.97
CA ARG A 61 7.77 34.18 -36.16
C ARG A 61 8.02 33.20 -37.29
N CYS A 62 8.62 32.05 -36.99
CA CYS A 62 8.98 31.08 -38.00
C CYS A 62 8.43 29.70 -37.63
N GLY A 63 8.40 28.81 -38.63
CA GLY A 63 7.95 27.45 -38.39
C GLY A 63 8.73 26.79 -37.26
N TRP A 64 8.02 26.15 -36.34
CA TRP A 64 8.63 25.52 -35.17
C TRP A 64 8.01 24.16 -34.93
N SER A 65 8.77 23.31 -34.23
CA SER A 65 8.30 22.03 -33.74
C SER A 65 8.78 21.84 -32.32
N LEU A 66 8.01 21.10 -31.52
CA LEU A 66 8.36 20.94 -30.12
C LEU A 66 9.73 20.30 -29.96
N ALA A 67 10.03 19.26 -30.76
CA ALA A 67 11.35 18.65 -30.69
C ALA A 67 12.43 19.63 -31.09
N GLU A 68 12.18 20.43 -32.14
CA GLU A 68 13.18 21.38 -32.61
C GLU A 68 13.48 22.43 -31.54
N GLU A 69 12.44 22.95 -30.88
CA GLU A 69 12.65 23.99 -29.88
C GLU A 69 13.56 23.50 -28.77
N LEU A 70 13.33 22.27 -28.31
CA LEU A 70 14.15 21.73 -27.22
C LEU A 70 15.62 21.67 -27.60
N ASN A 71 15.91 21.37 -28.87
CA ASN A 71 17.29 21.01 -29.22
C ASN A 71 18.21 22.22 -29.29
N TYR A 72 17.86 23.25 -30.05
CA TYR A 72 18.78 24.38 -30.22
C TYR A 72 18.39 25.63 -29.44
N THR A 73 17.27 25.61 -28.70
CA THR A 73 16.95 26.71 -27.80
C THR A 73 17.45 26.49 -26.39
N VAL A 74 17.63 25.25 -25.96
CA VAL A 74 17.93 24.91 -24.57
C VAL A 74 19.41 24.55 -24.45
N PRO A 75 20.04 24.70 -23.29
CA PRO A 75 21.41 24.19 -23.13
C PRO A 75 21.48 22.68 -23.31
N GLY A 76 22.55 22.23 -23.95
CA GLY A 76 22.70 20.81 -24.22
C GLY A 76 22.90 20.00 -22.95
N LEU A 77 22.51 18.73 -23.02
CA LEU A 77 22.64 17.79 -21.92
C LEU A 77 23.89 16.95 -22.10
N GLY A 78 24.28 16.27 -21.01
CA GLY A 78 25.45 15.42 -21.03
C GLY A 78 26.74 16.08 -20.60
N ALA A 79 26.71 17.34 -20.16
CA ALA A 79 27.89 18.05 -19.68
C ALA A 79 27.79 18.23 -18.18
N ALA A 80 28.91 18.00 -17.48
CA ALA A 80 28.97 18.09 -16.02
C ALA A 80 27.73 17.47 -15.40
N GLY A 81 27.41 16.25 -15.82
CA GLY A 81 26.21 15.57 -15.39
C GLY A 81 25.39 15.11 -16.57
N GLU A 82 24.54 14.10 -16.36
CA GLU A 82 23.78 13.53 -17.47
C GLU A 82 22.81 14.57 -18.04
N ALA A 83 21.99 15.19 -17.17
CA ALA A 83 21.07 16.21 -17.66
C ALA A 83 20.95 17.40 -16.71
N PHE A 84 21.92 17.61 -15.81
CA PHE A 84 21.83 18.75 -14.90
C PHE A 84 21.76 20.09 -15.61
N PRO A 85 22.60 20.38 -16.61
CA PRO A 85 22.50 21.71 -17.25
C PRO A 85 21.17 21.90 -17.97
N ARG A 86 20.78 20.97 -18.81
CA ARG A 86 19.59 21.16 -19.64
C ARG A 86 18.35 21.34 -18.78
N GLN A 87 18.24 20.59 -17.68
CA GLN A 87 17.00 20.58 -16.93
C GLN A 87 16.65 21.96 -16.40
N CYS A 88 17.55 22.57 -15.64
CA CYS A 88 17.23 23.81 -14.94
C CYS A 88 18.37 24.81 -15.00
N ARG A 89 18.96 24.99 -16.17
CA ARG A 89 19.92 26.07 -16.40
C ARG A 89 19.51 26.85 -17.64
N ARG A 90 19.59 28.18 -17.54
CA ARG A 90 19.11 29.08 -18.59
C ARG A 90 20.26 29.95 -19.05
N TYR A 91 20.54 29.93 -20.36
CA TYR A 91 21.62 30.75 -20.89
C TYR A 91 21.37 32.23 -20.63
N GLU A 92 20.12 32.67 -20.75
CA GLU A 92 19.73 34.06 -20.52
C GLU A 92 20.24 35.00 -21.61
N VAL A 93 20.57 34.46 -22.78
CA VAL A 93 20.89 35.30 -23.93
C VAL A 93 19.61 35.90 -24.48
N ASP A 94 19.66 37.19 -24.78
CA ASP A 94 18.47 37.90 -25.23
C ASP A 94 17.93 37.29 -26.52
N TRP A 95 16.75 36.70 -26.43
CA TRP A 95 16.03 36.19 -27.59
C TRP A 95 15.01 37.18 -28.13
N ASN A 96 14.82 38.31 -27.45
CA ASN A 96 13.88 39.34 -27.86
C ASN A 96 14.63 40.52 -28.44
N GLN A 97 14.06 41.13 -29.48
CA GLN A 97 14.71 42.23 -30.18
C GLN A 97 16.06 41.80 -30.72
N SER A 98 16.16 40.54 -31.15
CA SER A 98 17.37 40.00 -31.78
C SER A 98 16.92 39.09 -32.91
N ALA A 99 16.81 39.66 -34.12
CA ALA A 99 16.33 38.94 -35.28
C ALA A 99 17.52 38.31 -36.00
N LEU A 100 17.91 37.14 -35.51
CA LEU A 100 19.02 36.36 -36.07
C LEU A 100 18.52 35.23 -36.98
N SER A 101 17.24 35.24 -37.35
CA SER A 101 16.69 34.26 -38.27
C SER A 101 16.51 32.91 -37.60
N CYS A 102 15.54 32.12 -38.09
CA CYS A 102 15.30 30.81 -37.50
C CYS A 102 16.48 29.87 -37.69
N VAL A 103 17.22 30.01 -38.80
CA VAL A 103 18.32 29.11 -39.09
C VAL A 103 19.42 29.24 -38.04
N ASP A 104 19.77 30.48 -37.68
CA ASP A 104 20.91 30.77 -36.82
C ASP A 104 20.45 31.69 -35.69
N PRO A 105 19.62 31.18 -34.77
CA PRO A 105 19.14 32.03 -33.67
C PRO A 105 20.23 32.40 -32.69
N LEU A 106 21.00 31.40 -32.22
CA LEU A 106 22.01 31.62 -31.19
C LEU A 106 23.41 31.16 -31.58
N ALA A 107 23.57 30.50 -32.73
CA ALA A 107 24.88 29.95 -33.08
C ALA A 107 25.93 31.05 -33.23
N SER A 108 25.57 32.17 -33.86
CA SER A 108 26.57 33.14 -34.28
C SER A 108 27.27 33.80 -33.10
N LEU A 109 26.54 34.06 -32.02
CA LEU A 109 27.08 34.91 -30.97
C LEU A 109 28.35 34.32 -30.36
N ALA A 110 28.31 33.03 -29.99
CA ALA A 110 29.38 32.43 -29.22
C ALA A 110 30.28 31.50 -30.01
N ALA A 111 29.82 30.99 -31.15
CA ALA A 111 30.55 29.96 -31.89
C ALA A 111 30.77 28.71 -31.03
N ASN A 112 30.02 28.59 -29.94
CA ASN A 112 30.10 27.43 -29.07
C ASN A 112 29.02 27.51 -28.00
N ARG A 113 28.62 26.36 -27.45
CA ARG A 113 27.48 26.29 -26.55
C ARG A 113 27.90 26.33 -25.08
N SER A 114 28.72 25.37 -24.67
CA SER A 114 29.07 25.25 -23.25
C SER A 114 29.68 26.53 -22.71
N HIS A 115 30.55 27.18 -23.50
CA HIS A 115 31.19 28.40 -23.05
C HIS A 115 30.18 29.54 -22.87
N LEU A 116 28.98 29.39 -23.42
CA LEU A 116 28.00 30.47 -23.33
C LEU A 116 27.72 30.78 -21.87
N PRO A 117 27.15 31.94 -21.56
CA PRO A 117 26.97 32.34 -20.15
C PRO A 117 25.68 31.76 -19.58
N LEU A 118 25.80 31.11 -18.42
CA LEU A 118 24.67 30.44 -17.77
C LEU A 118 24.15 31.32 -16.63
N GLY A 119 22.89 31.75 -16.74
CA GLY A 119 22.26 32.55 -15.72
C GLY A 119 21.38 31.72 -14.79
N PRO A 120 20.61 32.40 -13.94
CA PRO A 120 19.67 31.70 -13.07
C PRO A 120 18.43 31.24 -13.82
N CYS A 121 17.76 30.25 -13.23
CA CYS A 121 16.55 29.66 -13.83
C CYS A 121 15.30 30.27 -13.21
N GLN A 122 15.13 31.57 -13.45
CA GLN A 122 13.98 32.31 -12.94
C GLN A 122 12.79 32.09 -13.86
N HIS A 123 11.75 32.92 -13.71
CA HIS A 123 10.53 32.79 -14.50
C HIS A 123 9.89 31.42 -14.33
N GLY A 124 10.05 30.83 -13.15
CA GLY A 124 9.47 29.51 -12.91
C GLY A 124 10.00 28.48 -13.90
N TRP A 125 9.08 27.68 -14.43
CA TRP A 125 9.44 26.60 -15.33
C TRP A 125 8.31 26.36 -16.32
N VAL A 126 8.62 25.68 -17.40
CA VAL A 126 7.64 25.22 -18.39
C VAL A 126 7.67 23.70 -18.39
N TYR A 127 6.50 23.08 -18.25
CA TYR A 127 6.40 21.64 -18.10
C TYR A 127 5.80 21.02 -19.35
N ASP A 128 6.12 19.73 -19.57
CA ASP A 128 5.72 19.04 -20.79
C ASP A 128 4.26 18.61 -20.74
N THR A 129 3.91 17.82 -19.72
CA THR A 129 2.57 17.25 -19.68
C THR A 129 1.52 18.35 -19.56
N PRO A 130 0.38 18.21 -20.23
CA PRO A 130 -0.69 19.21 -20.05
C PRO A 130 -1.24 19.25 -18.64
N GLY A 131 -1.26 18.11 -17.94
CA GLY A 131 -1.78 18.07 -16.59
C GLY A 131 -0.83 18.71 -15.60
N SER A 132 -1.34 18.90 -14.39
CA SER A 132 -0.58 19.53 -13.30
C SER A 132 -0.49 18.57 -12.13
N SER A 133 0.69 18.49 -11.53
CA SER A 133 0.95 17.65 -10.37
C SER A 133 1.46 18.51 -9.22
N ILE A 134 1.67 17.87 -8.07
CA ILE A 134 2.16 18.60 -6.91
C ILE A 134 3.52 19.23 -7.21
N VAL A 135 4.33 18.56 -8.03
CA VAL A 135 5.62 19.14 -8.42
C VAL A 135 5.40 20.40 -9.24
N THR A 136 4.47 20.35 -10.19
CA THR A 136 4.20 21.53 -11.01
C THR A 136 3.60 22.65 -10.19
N GLU A 137 2.86 22.32 -9.13
CA GLU A 137 2.17 23.34 -8.35
C GLU A 137 3.17 24.30 -7.71
N PHE A 138 4.03 23.78 -6.83
CA PHE A 138 4.92 24.60 -6.03
C PHE A 138 6.32 24.71 -6.63
N ASN A 139 6.53 24.22 -7.86
CA ASN A 139 7.82 24.32 -8.52
C ASN A 139 8.94 23.66 -7.70
N LEU A 140 8.67 22.44 -7.22
CA LEU A 140 9.64 21.67 -6.45
C LEU A 140 10.49 20.81 -7.38
N VAL A 141 11.17 21.47 -8.32
CA VAL A 141 11.80 20.80 -9.45
C VAL A 141 13.31 20.66 -9.26
N CYS A 142 14.02 21.78 -9.16
CA CYS A 142 15.49 21.79 -9.24
C CYS A 142 16.15 22.17 -7.93
N ALA A 143 15.85 23.35 -7.39
CA ALA A 143 16.52 23.79 -6.17
C ALA A 143 16.01 23.02 -4.96
N ASP A 144 14.70 22.81 -4.87
CA ASP A 144 14.10 22.15 -3.72
C ASP A 144 13.76 20.69 -4.00
N SER A 145 14.32 20.11 -5.06
CA SER A 145 14.02 18.74 -5.45
C SER A 145 13.94 17.80 -4.25
N TRP A 146 14.78 18.03 -3.25
CA TRP A 146 14.78 17.15 -2.08
C TRP A 146 13.43 17.12 -1.40
N LYS A 147 12.64 18.18 -1.53
CA LYS A 147 11.38 18.26 -0.78
C LYS A 147 10.45 17.09 -1.10
N VAL A 148 10.46 16.58 -2.34
CA VAL A 148 9.57 15.47 -2.68
C VAL A 148 9.94 14.23 -1.89
N ASP A 149 11.24 13.95 -1.76
CA ASP A 149 11.67 12.84 -0.92
C ASP A 149 11.24 13.06 0.52
N LEU A 150 11.30 14.31 1.00
CA LEU A 150 10.84 14.60 2.34
C LEU A 150 9.36 14.30 2.49
N PHE A 151 8.56 14.64 1.47
CA PHE A 151 7.14 14.35 1.49
C PHE A 151 6.90 12.85 1.58
N GLN A 152 7.58 12.08 0.75
CA GLN A 152 7.40 10.62 0.78
C GLN A 152 7.81 10.06 2.13
N SER A 153 8.93 10.52 2.68
CA SER A 153 9.40 10.03 3.97
C SER A 153 8.42 10.39 5.08
N CYS A 154 7.85 11.59 5.03
CA CYS A 154 6.87 11.99 6.03
C CYS A 154 5.63 11.10 5.96
N VAL A 155 5.16 10.81 4.74
CA VAL A 155 4.01 9.91 4.61
C VAL A 155 4.35 8.54 5.18
N ASN A 156 5.54 8.03 4.89
CA ASN A 156 5.90 6.70 5.36
C ASN A 156 6.04 6.66 6.88
N VAL A 157 6.65 7.68 7.48
CA VAL A 157 6.76 7.70 8.94
C VAL A 157 5.39 7.87 9.56
N GLY A 158 4.49 8.58 8.88
CA GLY A 158 3.11 8.62 9.34
C GLY A 158 2.47 7.25 9.35
N PHE A 159 2.66 6.48 8.28
CA PHE A 159 2.21 5.10 8.27
C PHE A 159 2.77 4.35 9.46
N PHE A 160 4.08 4.49 9.69
CA PHE A 160 4.74 3.71 10.74
C PHE A 160 4.14 4.03 12.11
N LEU A 161 4.00 5.32 12.42
CA LEU A 161 3.44 5.70 13.72
C LEU A 161 1.98 5.27 13.83
N GLY A 162 1.19 5.48 12.77
CA GLY A 162 -0.22 5.12 12.83
C GLY A 162 -0.43 3.64 13.03
N SER A 163 0.45 2.81 12.47
CA SER A 163 0.32 1.38 12.67
C SER A 163 0.25 1.05 14.14
N LEU A 164 1.21 1.54 14.93
CA LEU A 164 1.18 1.28 16.37
C LEU A 164 0.03 2.01 17.05
N GLY A 165 -0.23 3.26 16.65
CA GLY A 165 -1.19 4.07 17.38
C GLY A 165 -2.63 3.57 17.27
N VAL A 166 -3.05 3.24 16.05
CA VAL A 166 -4.47 2.97 15.82
C VAL A 166 -4.92 1.64 16.44
N GLY A 167 -3.99 0.71 16.67
CA GLY A 167 -4.40 -0.60 17.16
C GLY A 167 -5.09 -0.53 18.51
N TYR A 168 -4.49 0.22 19.45
CA TYR A 168 -5.05 0.25 20.79
C TYR A 168 -6.41 0.94 20.82
N ILE A 169 -6.53 2.08 20.14
CA ILE A 169 -7.82 2.74 20.06
C ILE A 169 -8.82 1.88 19.33
N ALA A 170 -8.36 0.96 18.48
CA ALA A 170 -9.26 0.09 17.74
C ALA A 170 -9.83 -1.00 18.63
N ASP A 171 -8.97 -1.80 19.25
CA ASP A 171 -9.44 -2.98 19.96
C ASP A 171 -10.10 -2.65 21.29
N ARG A 172 -9.61 -1.66 22.02
CA ARG A 172 -10.17 -1.38 23.34
C ARG A 172 -11.61 -0.86 23.24
N PHE A 173 -11.91 -0.06 22.21
CA PHE A 173 -13.20 0.61 22.10
C PHE A 173 -14.08 0.03 21.00
N GLY A 174 -13.80 -1.17 20.53
CA GLY A 174 -14.66 -1.82 19.56
C GLY A 174 -14.16 -1.63 18.14
N ARG A 175 -14.54 -2.57 17.27
CA ARG A 175 -14.08 -2.56 15.89
C ARG A 175 -14.93 -1.68 14.98
N LYS A 176 -16.11 -1.24 15.42
CA LYS A 176 -16.92 -0.35 14.60
C LYS A 176 -16.81 1.10 15.04
N LEU A 177 -16.43 1.37 16.30
CA LEU A 177 -16.13 2.72 16.69
C LEU A 177 -14.87 3.23 16.03
N CYS A 178 -13.93 2.33 15.73
CA CYS A 178 -12.71 2.71 15.03
C CYS A 178 -12.95 2.86 13.53
N LEU A 179 -13.48 1.81 12.89
CA LEU A 179 -13.66 1.85 11.43
C LEU A 179 -14.45 3.09 11.02
N LEU A 180 -15.44 3.46 11.81
CA LEU A 180 -16.22 4.67 11.50
C LEU A 180 -15.36 5.92 11.64
N ALA A 181 -14.72 6.09 12.79
CA ALA A 181 -13.93 7.30 13.02
C ALA A 181 -12.76 7.39 12.07
N THR A 182 -12.07 6.28 11.85
CA THR A 182 -10.88 6.30 10.99
C THR A 182 -11.25 6.70 9.56
N THR A 183 -12.29 6.07 9.00
CA THR A 183 -12.67 6.41 7.64
C THR A 183 -13.21 7.84 7.56
N LEU A 184 -13.92 8.29 8.60
CA LEU A 184 -14.41 9.67 8.58
C LEU A 184 -13.24 10.66 8.58
N ILE A 185 -12.23 10.41 9.41
CA ILE A 185 -11.06 11.31 9.45
C ILE A 185 -10.33 11.26 8.12
N SER A 186 -10.16 10.07 7.55
CA SER A 186 -9.50 9.97 6.26
C SER A 186 -10.24 10.77 5.19
N ALA A 187 -11.57 10.65 5.17
CA ALA A 187 -12.35 11.38 4.17
C ALA A 187 -12.25 12.88 4.37
N VAL A 188 -12.38 13.36 5.61
CA VAL A 188 -12.35 14.80 5.83
C VAL A 188 -10.96 15.37 5.51
N SER A 189 -9.90 14.63 5.84
CA SER A 189 -8.57 15.08 5.47
C SER A 189 -8.39 15.10 3.96
N GLY A 190 -8.93 14.09 3.26
CA GLY A 190 -8.75 14.03 1.83
C GLY A 190 -9.33 15.23 1.11
N VAL A 191 -10.58 15.58 1.42
CA VAL A 191 -11.19 16.73 0.76
C VAL A 191 -10.54 18.02 1.23
N LEU A 192 -10.20 18.10 2.52
CA LEU A 192 -9.53 19.30 3.02
C LEU A 192 -8.19 19.52 2.31
N MET A 193 -7.54 18.45 1.90
CA MET A 193 -6.25 18.58 1.22
C MET A 193 -6.40 19.31 -0.11
N ALA A 194 -7.45 19.01 -0.86
CA ALA A 194 -7.57 19.51 -2.23
C ALA A 194 -7.61 21.03 -2.28
N VAL A 195 -7.89 21.69 -1.16
CA VAL A 195 -7.95 23.14 -1.10
C VAL A 195 -6.71 23.71 -0.41
N ALA A 196 -5.64 22.93 -0.32
CA ALA A 196 -4.42 23.40 0.32
C ALA A 196 -3.75 24.47 -0.54
N PRO A 197 -3.53 25.69 -0.04
CA PRO A 197 -2.86 26.70 -0.85
C PRO A 197 -1.36 26.69 -0.72
N ASP A 198 -0.85 26.25 0.44
CA ASP A 198 0.57 26.26 0.75
C ASP A 198 1.11 24.83 0.70
N TYR A 199 2.41 24.70 0.94
CA TYR A 199 3.06 23.39 0.96
C TYR A 199 2.99 22.72 2.32
N THR A 200 2.92 23.50 3.41
CA THR A 200 2.86 22.90 4.74
C THR A 200 1.52 22.20 4.97
N SER A 201 0.42 22.86 4.56
CA SER A 201 -0.90 22.27 4.76
C SER A 201 -1.04 20.97 3.99
N MET A 202 -0.54 20.93 2.76
CA MET A 202 -0.59 19.70 1.98
C MET A 202 0.08 18.55 2.73
N LEU A 203 1.32 18.79 3.22
CA LEU A 203 2.05 17.74 3.92
C LEU A 203 1.31 17.32 5.18
N LEU A 204 0.78 18.28 5.94
CA LEU A 204 0.10 17.94 7.19
C LEU A 204 -1.12 17.07 6.93
N PHE A 205 -1.95 17.48 5.96
CA PHE A 205 -3.16 16.72 5.68
C PHE A 205 -2.83 15.32 5.15
N ARG A 206 -1.83 15.21 4.27
CA ARG A 206 -1.45 13.89 3.81
C ARG A 206 -0.92 13.04 4.96
N LEU A 207 -0.22 13.65 5.91
CA LEU A 207 0.27 12.91 7.07
C LEU A 207 -0.89 12.36 7.87
N LEU A 208 -1.93 13.16 8.10
CA LEU A 208 -3.10 12.68 8.82
C LEU A 208 -3.76 11.52 8.09
N GLN A 209 -3.94 11.68 6.78
CA GLN A 209 -4.60 10.62 6.00
C GLN A 209 -3.80 9.33 6.06
N GLY A 210 -2.48 9.42 5.95
CA GLY A 210 -1.65 8.24 6.06
C GLY A 210 -1.72 7.62 7.45
N LEU A 211 -1.76 8.46 8.48
CA LEU A 211 -1.89 7.95 9.84
C LEU A 211 -3.13 7.09 9.99
N VAL A 212 -4.23 7.46 9.33
CA VAL A 212 -5.51 6.81 9.64
C VAL A 212 -5.87 5.69 8.65
N SER A 213 -5.30 5.73 7.45
CA SER A 213 -5.79 4.86 6.38
C SER A 213 -5.56 3.38 6.68
N LYS A 214 -4.32 3.01 7.05
CA LYS A 214 -4.03 1.59 7.24
C LYS A 214 -4.82 1.04 8.42
N GLY A 215 -4.99 1.84 9.46
CA GLY A 215 -5.86 1.44 10.55
C GLY A 215 -7.27 1.14 10.06
N SER A 216 -7.82 2.03 9.22
CA SER A 216 -9.14 1.77 8.68
C SER A 216 -9.19 0.44 7.94
N TRP A 217 -8.20 0.20 7.07
CA TRP A 217 -8.23 -1.00 6.25
C TRP A 217 -8.14 -2.26 7.09
N MET A 218 -7.25 -2.26 8.09
CA MET A 218 -7.08 -3.48 8.89
C MET A 218 -8.28 -3.72 9.80
N SER A 219 -8.88 -2.65 10.32
CA SER A 219 -10.08 -2.84 11.13
C SER A 219 -11.24 -3.32 10.28
N GLY A 220 -11.26 -2.97 8.99
CA GLY A 220 -12.24 -3.55 8.09
C GLY A 220 -11.96 -5.03 7.85
N TYR A 221 -10.69 -5.39 7.70
CA TYR A 221 -10.33 -6.78 7.42
C TYR A 221 -10.73 -7.70 8.57
N THR A 222 -10.34 -7.33 9.79
CA THR A 222 -10.58 -8.21 10.94
C THR A 222 -12.07 -8.43 11.15
N LEU A 223 -12.89 -7.42 10.82
CA LEU A 223 -14.33 -7.55 11.06
C LEU A 223 -14.94 -8.68 10.25
N ILE A 224 -14.70 -8.70 8.95
CA ILE A 224 -15.25 -9.78 8.14
C ILE A 224 -14.60 -11.10 8.51
N THR A 225 -13.30 -11.09 8.81
CA THR A 225 -12.66 -12.35 9.20
C THR A 225 -13.36 -12.96 10.41
N GLU A 226 -13.72 -12.13 11.38
CA GLU A 226 -14.46 -12.63 12.53
C GLU A 226 -15.87 -13.06 12.14
N PHE A 227 -16.54 -12.27 11.30
CA PHE A 227 -17.95 -12.55 10.99
C PHE A 227 -18.11 -13.89 10.30
N VAL A 228 -17.27 -14.19 9.31
CA VAL A 228 -17.49 -15.39 8.51
C VAL A 228 -17.22 -16.63 9.34
N GLY A 229 -17.76 -17.76 8.88
CA GLY A 229 -17.55 -19.02 9.57
C GLY A 229 -16.09 -19.45 9.54
N SER A 230 -15.79 -20.47 10.35
CA SER A 230 -14.41 -20.91 10.48
C SER A 230 -13.87 -21.45 9.15
N GLY A 231 -14.70 -22.19 8.41
CA GLY A 231 -14.23 -22.81 7.19
C GLY A 231 -14.09 -21.88 6.01
N TYR A 232 -14.88 -20.80 5.98
CA TYR A 232 -14.96 -19.92 4.82
C TYR A 232 -14.08 -18.68 4.97
N ARG A 233 -13.04 -18.74 5.79
CA ARG A 233 -12.17 -17.58 5.95
C ARG A 233 -11.36 -17.31 4.68
N ARG A 234 -10.92 -18.37 4.00
CA ARG A 234 -10.08 -18.19 2.82
C ARG A 234 -10.78 -17.32 1.79
N THR A 235 -12.03 -17.63 1.47
CA THR A 235 -12.72 -16.90 0.42
C THR A 235 -12.87 -15.44 0.80
N VAL A 236 -13.29 -15.17 2.03
CA VAL A 236 -13.51 -13.78 2.44
C VAL A 236 -12.20 -12.99 2.37
N ALA A 237 -11.13 -13.53 2.95
CA ALA A 237 -9.87 -12.79 2.98
C ALA A 237 -9.32 -12.57 1.56
N ILE A 238 -9.28 -13.63 0.76
CA ILE A 238 -8.68 -13.51 -0.56
C ILE A 238 -9.51 -12.60 -1.45
N LEU A 239 -10.84 -12.68 -1.35
CA LEU A 239 -11.67 -11.78 -2.13
C LEU A 239 -11.56 -10.35 -1.66
N TYR A 240 -11.30 -10.12 -0.37
CA TYR A 240 -11.01 -8.78 0.10
C TYR A 240 -9.75 -8.24 -0.56
N GLN A 241 -8.69 -9.04 -0.58
CA GLN A 241 -7.45 -8.61 -1.24
C GLN A 241 -7.70 -8.36 -2.73
N MET A 242 -8.47 -9.23 -3.38
CA MET A 242 -8.75 -9.06 -4.81
C MET A 242 -9.58 -7.80 -5.07
N ALA A 243 -10.51 -7.48 -4.16
CA ALA A 243 -11.21 -6.20 -4.26
C ALA A 243 -10.24 -5.04 -4.16
N PHE A 244 -9.25 -5.16 -3.26
CA PHE A 244 -8.23 -4.11 -3.21
C PHE A 244 -7.52 -3.97 -4.54
N THR A 245 -7.18 -5.10 -5.17
CA THR A 245 -6.50 -5.03 -6.48
C THR A 245 -7.39 -4.38 -7.53
N VAL A 246 -8.68 -4.73 -7.55
CA VAL A 246 -9.60 -4.11 -8.49
C VAL A 246 -9.68 -2.61 -8.24
N GLY A 247 -9.69 -2.22 -6.98
CA GLY A 247 -9.66 -0.80 -6.67
C GLY A 247 -8.42 -0.12 -7.20
N LEU A 248 -7.28 -0.81 -7.12
CA LEU A 248 -6.04 -0.25 -7.66
C LEU A 248 -6.14 -0.04 -9.17
N VAL A 249 -6.69 -1.03 -9.89
CA VAL A 249 -6.84 -0.89 -11.33
C VAL A 249 -7.77 0.26 -11.66
N LEU A 250 -8.89 0.35 -10.95
CA LEU A 250 -9.82 1.46 -11.18
C LEU A 250 -9.17 2.80 -10.89
N LEU A 251 -8.32 2.86 -9.86
CA LEU A 251 -7.60 4.10 -9.58
C LEU A 251 -6.69 4.47 -10.73
N SER A 252 -5.98 3.49 -11.30
CA SER A 252 -5.14 3.80 -12.46
C SER A 252 -5.98 4.35 -13.60
N GLY A 253 -7.11 3.70 -13.88
CA GLY A 253 -7.97 4.18 -14.95
C GLY A 253 -8.42 5.61 -14.73
N VAL A 254 -8.96 5.90 -13.55
CA VAL A 254 -9.46 7.26 -13.29
C VAL A 254 -8.31 8.25 -13.28
N ALA A 255 -7.11 7.83 -12.86
CA ALA A 255 -5.97 8.72 -12.88
C ALA A 255 -5.64 9.14 -14.31
N TYR A 256 -5.66 8.18 -15.24
CA TYR A 256 -5.51 8.56 -16.64
C TYR A 256 -6.68 9.40 -17.13
N ALA A 257 -7.86 9.22 -16.52
CA ALA A 257 -9.03 9.98 -16.96
C ALA A 257 -8.84 11.48 -16.72
N ILE A 258 -8.49 11.85 -15.49
CA ILE A 258 -8.30 13.25 -15.12
C ILE A 258 -6.87 13.39 -14.60
N PRO A 259 -6.00 14.14 -15.29
CA PRO A 259 -4.61 14.24 -14.83
C PRO A 259 -4.45 15.19 -13.64
N HIS A 260 -5.22 16.27 -13.61
CA HIS A 260 -5.03 17.30 -12.60
C HIS A 260 -5.10 16.71 -11.21
N TRP A 261 -4.14 17.07 -10.35
CA TRP A 261 -4.06 16.46 -9.03
C TRP A 261 -5.18 16.91 -8.13
N ARG A 262 -5.53 18.20 -8.16
CA ARG A 262 -6.59 18.69 -7.29
C ARG A 262 -7.90 17.97 -7.57
N TRP A 263 -8.32 17.96 -8.84
CA TRP A 263 -9.55 17.27 -9.19
C TRP A 263 -9.44 15.78 -8.93
N LEU A 264 -8.28 15.18 -9.22
CA LEU A 264 -8.10 13.76 -9.00
C LEU A 264 -8.37 13.41 -7.54
N GLN A 265 -7.73 14.13 -6.62
CA GLN A 265 -7.93 13.86 -5.20
C GLN A 265 -9.37 14.12 -4.80
N LEU A 266 -9.92 15.27 -5.23
CA LEU A 266 -11.25 15.64 -4.80
C LEU A 266 -12.30 14.65 -5.29
N ALA A 267 -12.03 13.98 -6.42
CA ALA A 267 -12.99 13.01 -6.93
C ALA A 267 -12.80 11.65 -6.28
N VAL A 268 -11.55 11.18 -6.19
CA VAL A 268 -11.32 9.84 -5.66
C VAL A 268 -11.58 9.77 -4.16
N SER A 269 -11.56 10.90 -3.46
CA SER A 269 -11.79 10.85 -2.01
C SER A 269 -13.27 10.77 -1.66
N LEU A 270 -14.15 11.33 -2.49
CA LEU A 270 -15.57 11.38 -2.15
C LEU A 270 -16.19 10.00 -1.95
N PRO A 271 -15.90 8.99 -2.78
CA PRO A 271 -16.51 7.66 -2.54
C PRO A 271 -16.23 7.11 -1.15
N THR A 272 -15.03 7.36 -0.59
CA THR A 272 -14.77 6.96 0.78
C THR A 272 -15.73 7.65 1.74
N PHE A 273 -16.00 8.94 1.50
CA PHE A 273 -16.98 9.64 2.32
C PHE A 273 -18.37 9.04 2.16
N LEU A 274 -18.75 8.68 0.93
CA LEU A 274 -20.07 8.11 0.68
C LEU A 274 -20.21 6.76 1.37
N PHE A 275 -19.11 6.03 1.52
CA PHE A 275 -19.19 4.75 2.24
C PHE A 275 -19.78 4.94 3.63
N LEU A 276 -19.58 6.11 4.24
CA LEU A 276 -20.18 6.37 5.55
C LEU A 276 -21.67 6.17 5.51
N LEU A 277 -22.31 6.40 4.35
CA LEU A 277 -23.76 6.27 4.26
C LEU A 277 -24.24 4.87 4.60
N TYR A 278 -23.38 3.86 4.46
CA TYR A 278 -23.72 2.48 4.80
C TYR A 278 -23.06 2.01 6.09
N TYR A 279 -22.93 2.89 7.09
CA TYR A 279 -22.40 2.45 8.38
C TYR A 279 -23.39 1.56 9.11
N TRP A 280 -24.69 1.75 8.88
CA TRP A 280 -25.71 1.01 9.60
C TRP A 280 -25.87 -0.42 9.14
N CYS A 281 -25.21 -0.82 8.05
CA CYS A 281 -25.40 -2.18 7.52
C CYS A 281 -24.71 -3.21 8.41
N VAL A 282 -23.43 -2.99 8.70
CA VAL A 282 -22.63 -3.97 9.44
C VAL A 282 -22.64 -3.64 10.93
N PRO A 283 -23.06 -4.57 11.81
CA PRO A 283 -22.96 -4.31 13.25
C PRO A 283 -21.63 -4.73 13.83
N GLU A 284 -21.44 -4.53 15.14
CA GLU A 284 -20.20 -4.92 15.79
C GLU A 284 -20.01 -6.42 15.71
N SER A 285 -18.75 -6.85 15.70
CA SER A 285 -18.45 -8.27 15.61
C SER A 285 -18.96 -8.99 16.85
N PRO A 286 -19.60 -10.16 16.69
CA PRO A 286 -20.11 -10.85 17.90
C PRO A 286 -19.01 -11.28 18.85
N ARG A 287 -17.90 -11.79 18.34
CA ARG A 287 -16.87 -12.34 19.21
C ARG A 287 -16.30 -11.28 20.14
N TRP A 288 -16.02 -10.10 19.61
CA TRP A 288 -15.48 -9.03 20.45
C TRP A 288 -16.45 -8.67 21.57
N LEU A 289 -17.73 -8.54 21.24
CA LEU A 289 -18.72 -8.23 22.27
C LEU A 289 -18.78 -9.33 23.32
N LEU A 290 -18.75 -10.59 22.89
CA LEU A 290 -18.81 -11.69 23.84
C LEU A 290 -17.59 -11.68 24.76
N SER A 291 -16.42 -11.33 24.21
CA SER A 291 -15.21 -11.30 25.01
C SER A 291 -15.19 -10.11 25.97
N GLN A 292 -15.99 -9.08 25.71
CA GLN A 292 -16.04 -7.91 26.57
C GLN A 292 -17.10 -8.03 27.66
N LYS A 293 -17.80 -9.17 27.74
CA LYS A 293 -18.82 -9.45 28.74
C LYS A 293 -20.15 -8.77 28.42
N ARG A 294 -20.35 -8.30 27.19
CA ARG A 294 -21.61 -7.72 26.76
C ARG A 294 -22.39 -8.80 26.01
N ASN A 295 -22.98 -9.71 26.79
CA ASN A 295 -23.63 -10.88 26.21
C ASN A 295 -24.97 -10.54 25.56
N THR A 296 -25.75 -9.63 26.17
CA THR A 296 -27.06 -9.30 25.61
C THR A 296 -26.93 -8.71 24.22
N GLN A 297 -25.97 -7.81 24.01
CA GLN A 297 -25.78 -7.23 22.69
C GLN A 297 -25.31 -8.29 21.70
N ALA A 298 -24.44 -9.20 22.15
CA ALA A 298 -23.96 -10.26 21.26
C ALA A 298 -25.12 -11.14 20.80
N ILE A 299 -26.00 -11.53 21.72
CA ILE A 299 -27.13 -12.38 21.33
C ILE A 299 -28.08 -11.59 20.44
N LYS A 300 -28.27 -10.30 20.71
CA LYS A 300 -29.11 -9.49 19.85
C LYS A 300 -28.57 -9.48 18.42
N ILE A 301 -27.26 -9.29 18.26
CA ILE A 301 -26.66 -9.29 16.93
C ILE A 301 -26.81 -10.65 16.27
N MET A 302 -26.58 -11.73 17.04
CA MET A 302 -26.69 -13.07 16.47
C MET A 302 -28.11 -13.33 15.98
N ASP A 303 -29.11 -12.91 16.75
CA ASP A 303 -30.50 -13.11 16.33
C ASP A 303 -30.78 -12.35 15.03
N HIS A 304 -30.25 -11.14 14.91
CA HIS A 304 -30.46 -10.37 13.68
C HIS A 304 -29.87 -11.09 12.47
N ILE A 305 -28.69 -11.68 12.63
CA ILE A 305 -28.08 -12.42 11.53
C ILE A 305 -28.99 -13.57 11.11
N ALA A 306 -29.53 -14.29 12.08
CA ALA A 306 -30.44 -15.39 11.77
C ALA A 306 -31.70 -14.88 11.09
N GLN A 307 -32.24 -13.76 11.57
CA GLN A 307 -33.48 -13.24 11.02
C GLN A 307 -33.31 -12.84 9.56
N LYS A 308 -32.23 -12.12 9.24
CA LYS A 308 -32.00 -11.72 7.86
C LYS A 308 -31.70 -12.92 6.99
N ASN A 309 -30.91 -13.88 7.51
CA ASN A 309 -30.61 -15.07 6.75
C ASN A 309 -31.84 -15.95 6.58
N GLY A 310 -32.71 -15.98 7.59
CA GLY A 310 -34.04 -16.56 7.45
C GLY A 310 -34.14 -18.04 7.69
N LYS A 311 -33.15 -18.68 8.29
CA LYS A 311 -33.25 -20.12 8.54
C LYS A 311 -34.09 -20.40 9.79
N LEU A 312 -33.56 -20.05 10.95
CA LEU A 312 -34.30 -20.20 12.21
C LEU A 312 -33.47 -19.63 13.35
N PRO A 313 -34.09 -19.16 14.44
CA PRO A 313 -33.32 -18.80 15.62
C PRO A 313 -33.17 -19.98 16.55
N PRO A 314 -31.95 -20.33 16.96
CA PRO A 314 -31.77 -21.43 17.91
C PRO A 314 -32.07 -20.99 19.34
N ALA A 315 -32.88 -21.78 20.04
CA ALA A 315 -33.30 -21.42 21.39
C ALA A 315 -32.14 -21.43 22.39
N ASP A 316 -31.03 -22.09 22.06
CA ASP A 316 -29.92 -22.19 22.98
C ASP A 316 -29.18 -20.87 23.18
N LEU A 317 -29.51 -19.84 22.40
CA LEU A 317 -28.80 -18.57 22.52
C LEU A 317 -29.00 -17.94 23.90
N LYS A 318 -30.07 -18.29 24.62
CA LYS A 318 -30.32 -17.67 25.91
C LYS A 318 -29.14 -17.85 26.87
N MET A 319 -28.37 -18.92 26.70
CA MET A 319 -27.23 -19.21 27.56
C MET A 319 -25.90 -19.01 26.82
N LEU A 320 -25.89 -18.12 25.83
CA LEU A 320 -24.67 -17.89 25.06
C LEU A 320 -23.59 -17.25 25.93
N SER A 321 -22.39 -17.79 25.86
CA SER A 321 -21.24 -17.27 26.60
C SER A 321 -20.01 -18.01 26.10
N LEU A 322 -18.85 -17.61 26.61
CA LEU A 322 -17.60 -18.30 26.27
C LEU A 322 -17.60 -19.71 26.83
N LYS A 323 -16.72 -20.55 26.28
CA LYS A 323 -16.63 -21.93 26.72
C LYS A 323 -16.46 -22.02 28.24
N GLU A 324 -15.50 -21.27 28.78
CA GLU A 324 -15.26 -21.20 30.21
C GLU A 324 -15.68 -19.84 30.75
N ASP A 325 -16.19 -19.84 31.98
CA ASP A 325 -16.57 -18.59 32.63
C ASP A 325 -15.36 -17.69 32.76
N SER A 326 -15.34 -16.60 31.99
CA SER A 326 -14.19 -15.71 31.96
C SER A 326 -14.26 -14.70 33.11
N THR A 327 -13.25 -13.86 33.20
CA THR A 327 -13.19 -12.83 34.22
C THR A 327 -13.96 -11.59 33.76
N GLU A 328 -14.31 -10.74 34.74
CA GLU A 328 -15.11 -9.56 34.44
C GLU A 328 -14.41 -8.67 33.41
N LYS A 329 -13.12 -8.41 33.62
CA LYS A 329 -12.35 -7.53 32.75
C LYS A 329 -11.43 -8.33 31.84
N LEU A 330 -11.34 -7.91 30.59
CA LEU A 330 -10.45 -8.53 29.60
C LEU A 330 -9.79 -7.45 28.75
N SER A 331 -9.28 -6.41 29.41
CA SER A 331 -8.80 -5.23 28.70
C SER A 331 -7.60 -5.58 27.82
N PRO A 332 -7.53 -5.06 26.59
CA PRO A 332 -6.32 -5.25 25.77
C PRO A 332 -5.22 -4.29 26.19
N SER A 333 -3.99 -4.81 26.26
CA SER A 333 -2.85 -4.01 26.64
C SER A 333 -1.60 -4.53 25.95
N PHE A 334 -0.64 -3.63 25.73
CA PHE A 334 0.64 -4.04 25.15
C PHE A 334 1.35 -5.05 26.05
N ALA A 335 1.20 -4.92 27.37
CA ALA A 335 1.90 -5.82 28.28
C ALA A 335 1.48 -7.27 28.06
N ASP A 336 0.18 -7.50 27.84
CA ASP A 336 -0.33 -8.85 27.64
C ASP A 336 0.19 -9.50 26.36
N LEU A 337 0.78 -8.72 25.45
CA LEU A 337 1.23 -9.27 24.18
C LEU A 337 2.51 -10.08 24.32
N PHE A 338 3.34 -9.77 25.30
CA PHE A 338 4.66 -10.38 25.45
C PHE A 338 4.78 -11.20 26.73
N ARG A 339 3.70 -11.83 27.17
CA ARG A 339 3.74 -12.63 28.40
C ARG A 339 3.92 -14.12 28.12
N THR A 340 3.07 -14.69 27.29
CA THR A 340 3.13 -16.13 27.04
C THR A 340 4.30 -16.44 26.10
N PRO A 341 5.19 -17.37 26.45
CA PRO A 341 6.33 -17.65 25.56
C PRO A 341 5.91 -18.04 24.16
N GLN A 342 4.86 -18.84 24.01
CA GLN A 342 4.40 -19.23 22.67
C GLN A 342 3.95 -18.02 21.88
N LEU A 343 3.17 -17.14 22.50
CA LEU A 343 2.72 -15.93 21.82
C LEU A 343 3.91 -15.05 21.45
N ARG A 344 4.91 -14.97 22.34
CA ARG A 344 6.11 -14.19 22.04
C ARG A 344 6.83 -14.75 20.82
N LYS A 345 7.00 -16.07 20.77
CA LYS A 345 7.67 -16.68 19.63
C LYS A 345 6.89 -16.42 18.34
N HIS A 346 5.56 -16.57 18.40
CA HIS A 346 4.75 -16.30 17.23
C HIS A 346 4.89 -14.84 16.77
N THR A 347 4.88 -13.91 17.71
CA THR A 347 5.00 -12.50 17.36
C THR A 347 6.35 -12.22 16.71
N PHE A 348 7.43 -12.76 17.27
CA PHE A 348 8.75 -12.54 16.67
C PHE A 348 8.81 -13.10 15.26
N ILE A 349 8.31 -14.32 15.08
CA ILE A 349 8.38 -14.95 13.76
C ILE A 349 7.57 -14.14 12.75
N LEU A 350 6.39 -13.68 13.15
CA LEU A 350 5.56 -12.91 12.22
C LEU A 350 6.18 -11.56 11.92
N MET A 351 6.82 -10.92 12.90
CA MET A 351 7.51 -9.67 12.64
C MET A 351 8.61 -9.87 11.61
N TYR A 352 9.41 -10.92 11.78
CA TYR A 352 10.47 -11.18 10.80
C TYR A 352 9.89 -11.48 9.43
N LEU A 353 8.77 -12.21 9.40
CA LEU A 353 8.14 -12.52 8.12
C LEU A 353 7.72 -11.24 7.40
N TRP A 354 7.06 -10.33 8.11
CA TRP A 354 6.66 -9.07 7.50
C TRP A 354 7.87 -8.31 6.99
N PHE A 355 8.92 -8.23 7.81
CA PHE A 355 10.09 -7.46 7.43
C PHE A 355 10.73 -8.03 6.17
N THR A 356 10.92 -9.34 6.12
CA THR A 356 11.54 -9.96 4.94
C THR A 356 10.66 -9.79 3.72
N SER A 357 9.35 -9.93 3.88
CA SER A 357 8.46 -9.76 2.73
C SER A 357 8.57 -8.36 2.17
N SER A 358 8.55 -7.35 3.03
CA SER A 358 8.61 -5.97 2.54
C SER A 358 9.96 -5.69 1.89
N VAL A 359 11.05 -6.15 2.52
CA VAL A 359 12.38 -5.90 1.96
C VAL A 359 12.52 -6.57 0.60
N LEU A 360 12.06 -7.81 0.47
CA LEU A 360 12.18 -8.50 -0.80
C LEU A 360 11.32 -7.85 -1.87
N TYR A 361 10.13 -7.38 -1.50
CA TYR A 361 9.29 -6.68 -2.47
C TYR A 361 9.98 -5.44 -2.99
N GLN A 362 10.51 -4.62 -2.08
CA GLN A 362 11.16 -3.39 -2.53
C GLN A 362 12.41 -3.70 -3.34
N GLY A 363 13.16 -4.73 -2.95
CA GLY A 363 14.31 -5.11 -3.74
C GLY A 363 13.93 -5.53 -5.15
N LEU A 364 12.86 -6.31 -5.29
CA LEU A 364 12.41 -6.71 -6.62
C LEU A 364 12.03 -5.50 -7.45
N ILE A 365 11.21 -4.62 -6.90
CA ILE A 365 10.77 -3.47 -7.70
C ILE A 365 11.96 -2.60 -8.07
N MET A 366 12.91 -2.42 -7.15
CA MET A 366 14.08 -1.61 -7.44
C MET A 366 14.92 -2.23 -8.55
N HIS A 367 15.09 -3.54 -8.51
CA HIS A 367 15.92 -4.25 -9.48
C HIS A 367 15.20 -4.55 -10.79
N MET A 368 14.01 -3.98 -11.00
CA MET A 368 13.26 -4.23 -12.22
C MET A 368 13.96 -3.60 -13.42
N GLY A 369 13.39 -3.83 -14.60
CA GLY A 369 13.89 -3.24 -15.82
C GLY A 369 13.48 -1.80 -15.98
N ALA A 370 13.88 -1.22 -17.12
CA ALA A 370 13.60 0.18 -17.38
C ALA A 370 12.11 0.44 -17.45
N THR A 371 11.70 1.61 -16.99
CA THR A 371 10.28 1.97 -16.99
C THR A 371 9.78 2.17 -18.41
N GLY A 372 8.54 1.75 -18.66
CA GLY A 372 7.95 1.90 -19.97
C GLY A 372 7.59 3.34 -20.27
N GLY A 373 7.29 3.59 -21.55
CA GLY A 373 6.95 4.94 -21.97
C GLY A 373 5.75 5.49 -21.23
N ASN A 374 4.67 4.70 -21.17
CA ASN A 374 3.46 5.09 -20.47
C ASN A 374 3.54 4.61 -19.03
N LEU A 375 3.62 5.55 -18.09
CA LEU A 375 3.59 5.18 -16.68
C LEU A 375 2.29 4.47 -16.33
N TYR A 376 1.17 4.96 -16.87
CA TYR A 376 -0.12 4.37 -16.55
C TYR A 376 -0.20 2.92 -17.00
N LEU A 377 0.28 2.62 -18.20
CA LEU A 377 0.26 1.24 -18.68
C LEU A 377 1.15 0.34 -17.83
N ASP A 378 2.32 0.83 -17.44
CA ASP A 378 3.20 0.05 -16.58
C ASP A 378 2.52 -0.25 -15.25
N PHE A 379 1.88 0.75 -14.64
CA PHE A 379 1.18 0.52 -13.39
C PHE A 379 0.03 -0.45 -13.57
N PHE A 380 -0.68 -0.34 -14.70
CA PHE A 380 -1.77 -1.26 -14.98
C PHE A 380 -1.27 -2.70 -15.06
N TYR A 381 -0.15 -2.92 -15.75
CA TYR A 381 0.42 -4.27 -15.82
C TYR A 381 0.86 -4.75 -14.45
N SER A 382 1.52 -3.89 -13.67
CA SER A 382 1.99 -4.29 -12.35
C SER A 382 0.84 -4.66 -11.44
N ALA A 383 -0.31 -3.99 -11.58
CA ALA A 383 -1.47 -4.36 -10.80
C ALA A 383 -2.11 -5.65 -11.32
N LEU A 384 -2.20 -5.80 -12.64
CA LEU A 384 -2.86 -6.96 -13.21
C LEU A 384 -2.08 -8.25 -12.97
N VAL A 385 -0.77 -8.17 -12.75
CA VAL A 385 0.00 -9.37 -12.47
C VAL A 385 -0.44 -10.06 -11.18
N GLU A 386 -1.30 -9.40 -10.38
CA GLU A 386 -1.72 -9.98 -9.11
C GLU A 386 -2.91 -10.92 -9.25
N PHE A 387 -3.76 -10.70 -10.24
CA PHE A 387 -5.00 -11.48 -10.33
C PHE A 387 -4.76 -12.98 -10.32
N PRO A 388 -3.84 -13.52 -11.13
CA PRO A 388 -3.60 -14.97 -11.06
C PRO A 388 -3.17 -15.45 -9.69
N ALA A 389 -2.55 -14.59 -8.88
CA ALA A 389 -2.17 -15.01 -7.54
C ALA A 389 -3.39 -15.39 -6.72
N ALA A 390 -4.46 -14.61 -6.81
CA ALA A 390 -5.67 -14.93 -6.06
C ALA A 390 -6.23 -16.28 -6.49
N PHE A 391 -6.33 -16.51 -7.79
CA PHE A 391 -6.88 -17.78 -8.28
C PHE A 391 -5.93 -18.95 -8.06
N ILE A 392 -4.65 -18.68 -7.77
CA ILE A 392 -3.76 -19.76 -7.36
C ILE A 392 -3.97 -20.10 -5.89
N ILE A 393 -4.00 -19.07 -5.04
CA ILE A 393 -4.16 -19.30 -3.60
C ILE A 393 -5.56 -19.79 -3.28
N LEU A 394 -6.57 -19.27 -3.99
CA LEU A 394 -7.95 -19.50 -3.60
C LEU A 394 -8.31 -20.97 -3.58
N VAL A 395 -7.55 -21.82 -4.30
CA VAL A 395 -7.88 -23.23 -4.41
C VAL A 395 -6.93 -24.13 -3.62
N THR A 396 -5.82 -23.61 -3.12
CA THR A 396 -4.80 -24.45 -2.49
C THR A 396 -4.83 -24.44 -0.97
N ILE A 397 -5.36 -23.39 -0.34
CA ILE A 397 -5.22 -23.25 1.10
C ILE A 397 -5.86 -24.42 1.83
N ASP A 398 -7.19 -24.54 1.73
CA ASP A 398 -7.90 -25.56 2.49
C ASP A 398 -7.52 -26.96 2.05
N ARG A 399 -7.08 -27.11 0.79
CA ARG A 399 -6.71 -28.43 0.30
C ARG A 399 -5.35 -28.88 0.84
N VAL A 400 -4.42 -27.94 1.01
CA VAL A 400 -3.05 -28.28 1.40
C VAL A 400 -2.61 -27.62 2.71
N GLY A 401 -3.42 -26.74 3.27
CA GLY A 401 -3.00 -26.02 4.46
C GLY A 401 -2.39 -24.68 4.11
N ARG A 402 -1.90 -23.99 5.14
CA ARG A 402 -1.39 -22.64 4.99
C ARG A 402 0.12 -22.51 5.10
N ILE A 403 0.78 -23.34 5.92
CA ILE A 403 2.22 -23.15 6.12
C ILE A 403 2.99 -23.48 4.85
N TYR A 404 2.66 -24.60 4.19
CA TYR A 404 3.48 -25.05 3.07
C TYR A 404 3.47 -24.05 1.91
N PRO A 405 2.32 -23.58 1.43
CA PRO A 405 2.36 -22.62 0.32
C PRO A 405 3.07 -21.33 0.67
N LEU A 406 2.86 -20.82 1.89
CA LEU A 406 3.57 -19.62 2.30
C LEU A 406 5.07 -19.84 2.25
N ALA A 407 5.55 -20.95 2.82
CA ALA A 407 6.98 -21.21 2.83
C ALA A 407 7.53 -21.35 1.41
N VAL A 408 6.82 -22.08 0.55
CA VAL A 408 7.34 -22.35 -0.79
C VAL A 408 7.38 -21.06 -1.61
N SER A 409 6.36 -20.20 -1.47
CA SER A 409 6.37 -18.94 -2.19
C SER A 409 7.47 -18.00 -1.66
N ASN A 410 7.62 -17.95 -0.33
CA ASN A 410 8.69 -17.14 0.24
C ASN A 410 10.05 -17.62 -0.24
N LEU A 411 10.21 -18.92 -0.47
CA LEU A 411 11.47 -19.44 -1.00
C LEU A 411 11.64 -19.09 -2.48
N VAL A 412 10.58 -19.27 -3.28
CA VAL A 412 10.72 -19.11 -4.72
C VAL A 412 10.93 -17.66 -5.10
N ALA A 413 10.38 -16.71 -4.32
CA ALA A 413 10.66 -15.30 -4.62
C ALA A 413 12.16 -15.03 -4.53
N GLY A 414 12.79 -15.45 -3.44
CA GLY A 414 14.23 -15.27 -3.30
C GLY A 414 15.01 -16.03 -4.34
N ALA A 415 14.53 -17.23 -4.70
CA ALA A 415 15.21 -18.00 -5.74
C ALA A 415 15.17 -17.26 -7.07
N ALA A 416 14.03 -16.63 -7.39
CA ALA A 416 13.94 -15.85 -8.62
C ALA A 416 14.87 -14.65 -8.57
N CYS A 417 14.96 -13.98 -7.42
CA CYS A 417 15.90 -12.88 -7.32
C CYS A 417 17.33 -13.36 -7.56
N LEU A 418 17.69 -14.50 -6.96
CA LEU A 418 19.03 -15.05 -7.15
C LEU A 418 19.30 -15.41 -8.61
N ILE A 419 18.32 -16.03 -9.27
CA ILE A 419 18.53 -16.42 -10.67
C ILE A 419 18.61 -15.19 -11.56
N MET A 420 17.88 -14.13 -11.25
CA MET A 420 18.00 -12.88 -12.00
C MET A 420 19.39 -12.28 -11.80
N ILE A 421 19.93 -12.38 -10.59
CA ILE A 421 21.28 -11.90 -10.34
C ILE A 421 22.30 -12.70 -11.14
N PHE A 422 22.20 -14.03 -11.08
CA PHE A 422 23.22 -14.88 -11.72
C PHE A 422 23.06 -14.91 -13.23
N ILE A 423 21.89 -15.32 -13.71
CA ILE A 423 21.69 -15.43 -15.15
C ILE A 423 21.72 -14.04 -15.79
N SER A 424 22.00 -14.02 -17.09
CA SER A 424 22.19 -12.76 -17.80
C SER A 424 20.98 -11.84 -17.61
N GLN A 425 21.26 -10.58 -17.27
CA GLN A 425 20.23 -9.57 -17.10
C GLN A 425 20.05 -8.70 -18.34
N ASP A 426 20.76 -9.02 -19.43
CA ASP A 426 20.65 -8.23 -20.65
C ASP A 426 19.23 -8.34 -21.21
N LEU A 427 18.83 -7.30 -21.95
CA LEU A 427 17.46 -7.22 -22.46
C LEU A 427 17.08 -8.48 -23.22
N HIS A 428 16.14 -9.24 -22.67
CA HIS A 428 15.64 -10.44 -23.29
C HIS A 428 14.23 -10.69 -22.80
N TRP A 429 13.48 -11.49 -23.58
CA TRP A 429 12.09 -11.77 -23.22
C TRP A 429 11.97 -12.50 -21.89
N LEU A 430 13.01 -13.26 -21.51
CA LEU A 430 12.92 -14.08 -20.31
C LEU A 430 12.77 -13.22 -19.05
N ASN A 431 13.61 -12.19 -18.92
CA ASN A 431 13.76 -11.50 -17.65
C ASN A 431 12.45 -10.90 -17.18
N ILE A 432 11.67 -10.32 -18.09
CA ILE A 432 10.41 -9.69 -17.70
C ILE A 432 9.47 -10.73 -17.08
N THR A 433 9.35 -11.89 -17.74
CA THR A 433 8.46 -12.93 -17.23
C THR A 433 8.96 -13.49 -15.90
N VAL A 434 10.28 -13.67 -15.76
CA VAL A 434 10.82 -14.14 -14.50
C VAL A 434 10.49 -13.15 -13.38
N ALA A 435 10.64 -11.85 -13.67
CA ALA A 435 10.28 -10.85 -12.67
C ALA A 435 8.80 -10.92 -12.34
N CYS A 436 7.95 -11.20 -13.33
CA CYS A 436 6.53 -11.39 -13.04
C CYS A 436 6.31 -12.59 -12.13
N VAL A 437 7.09 -13.66 -12.31
CA VAL A 437 7.00 -14.81 -11.42
C VAL A 437 7.32 -14.39 -9.99
N GLY A 438 8.39 -13.62 -9.83
CA GLY A 438 8.73 -13.12 -8.50
C GLY A 438 7.64 -12.23 -7.93
N ARG A 439 7.03 -11.40 -8.78
CA ARG A 439 5.94 -10.53 -8.34
C ARG A 439 4.79 -11.37 -7.78
N MET A 440 4.40 -12.41 -8.51
CA MET A 440 3.31 -13.27 -8.04
C MET A 440 3.70 -13.94 -6.73
N GLY A 441 4.95 -14.41 -6.63
CA GLY A 441 5.39 -15.00 -5.37
C GLY A 441 5.27 -14.03 -4.21
N ILE A 442 5.71 -12.79 -4.41
CA ILE A 442 5.67 -11.80 -3.33
C ILE A 442 4.23 -11.47 -2.95
N THR A 443 3.35 -11.36 -3.95
CA THR A 443 1.95 -11.08 -3.63
C THR A 443 1.33 -12.21 -2.81
N ILE A 444 1.62 -13.45 -3.20
CA ILE A 444 1.13 -14.58 -2.41
C ILE A 444 1.67 -14.52 -1.00
N VAL A 445 2.96 -14.20 -0.85
CA VAL A 445 3.54 -14.09 0.48
C VAL A 445 2.81 -13.05 1.30
N PHE A 446 2.57 -11.87 0.73
CA PHE A 446 1.90 -10.81 1.46
C PHE A 446 0.53 -11.27 1.94
N GLN A 447 -0.29 -11.79 1.04
CA GLN A 447 -1.65 -12.16 1.41
C GLN A 447 -1.66 -13.27 2.44
N MET A 448 -0.83 -14.29 2.26
CA MET A 448 -0.80 -15.40 3.20
C MET A 448 -0.33 -14.95 4.58
N VAL A 449 0.70 -14.09 4.63
CA VAL A 449 1.18 -13.61 5.91
C VAL A 449 0.08 -12.84 6.62
N CYS A 450 -0.62 -11.98 5.89
CA CYS A 450 -1.70 -11.23 6.52
C CYS A 450 -2.76 -12.17 7.09
N LEU A 451 -3.17 -13.16 6.30
CA LEU A 451 -4.22 -14.07 6.77
C LEU A 451 -3.78 -14.84 8.00
N VAL A 452 -2.59 -15.43 7.96
CA VAL A 452 -2.15 -16.27 9.07
C VAL A 452 -1.95 -15.43 10.32
N ASN A 453 -1.39 -14.23 10.17
CA ASN A 453 -1.21 -13.36 11.33
C ASN A 453 -2.55 -12.98 11.94
N ALA A 454 -3.54 -12.68 11.10
CA ALA A 454 -4.86 -12.37 11.64
C ALA A 454 -5.43 -13.56 12.39
N GLU A 455 -5.25 -14.76 11.86
CA GLU A 455 -5.85 -15.93 12.47
C GLU A 455 -5.14 -16.39 13.75
N LEU A 456 -3.86 -16.06 13.90
CA LEU A 456 -3.08 -16.69 14.97
C LEU A 456 -3.23 -16.00 16.33
N TYR A 457 -3.54 -14.71 16.35
CA TYR A 457 -3.59 -13.98 17.61
C TYR A 457 -4.90 -14.20 18.34
N PRO A 458 -4.96 -13.86 19.64
CA PRO A 458 -6.23 -13.90 20.37
C PRO A 458 -7.22 -12.89 19.81
N THR A 459 -8.50 -13.18 19.99
CA THR A 459 -9.54 -12.34 19.43
C THR A 459 -9.55 -10.96 20.07
N PHE A 460 -9.30 -10.87 21.38
CA PHE A 460 -9.47 -9.59 22.07
C PHE A 460 -8.32 -8.63 21.79
N ILE A 461 -7.19 -9.11 21.30
CA ILE A 461 -6.09 -8.24 20.87
C ILE A 461 -5.65 -8.56 19.45
N ARG A 462 -6.53 -9.15 18.64
CA ARG A 462 -6.13 -9.56 17.29
C ARG A 462 -5.68 -8.37 16.47
N ASN A 463 -6.39 -7.26 16.56
CA ASN A 463 -6.03 -6.09 15.77
C ASN A 463 -4.65 -5.55 16.16
N LEU A 464 -4.38 -5.50 17.46
CA LEU A 464 -3.09 -4.97 17.92
C LEU A 464 -1.93 -5.80 17.39
N GLY A 465 -2.09 -7.12 17.37
CA GLY A 465 -1.02 -7.97 16.90
C GLY A 465 -0.68 -7.74 15.44
N VAL A 466 -1.71 -7.67 14.59
CA VAL A 466 -1.46 -7.43 13.17
C VAL A 466 -0.88 -6.04 12.97
N MET A 467 -1.33 -5.05 13.74
CA MET A 467 -0.76 -3.71 13.63
C MET A 467 0.73 -3.72 13.95
N VAL A 468 1.10 -4.32 15.08
CA VAL A 468 2.51 -4.33 15.50
C VAL A 468 3.35 -5.08 14.48
N CYS A 469 2.89 -6.26 14.07
CA CYS A 469 3.66 -7.03 13.10
C CYS A 469 3.68 -6.39 11.72
N SER A 470 2.76 -5.47 11.44
CA SER A 470 2.76 -4.76 10.18
C SER A 470 3.66 -3.54 10.19
N SER A 471 3.89 -2.94 11.36
CA SER A 471 4.75 -1.76 11.42
C SER A 471 6.10 -2.05 10.77
N LEU A 472 6.64 -3.25 10.98
CA LEU A 472 7.94 -3.57 10.41
C LEU A 472 7.91 -3.58 8.89
N CYS A 473 6.74 -3.84 8.28
CA CYS A 473 6.65 -3.74 6.83
C CYS A 473 7.02 -2.35 6.35
N ASP A 474 6.39 -1.32 6.94
CA ASP A 474 6.71 0.05 6.56
C ASP A 474 8.12 0.42 6.97
N LEU A 475 8.61 -0.08 8.10
CA LEU A 475 9.98 0.21 8.50
C LEU A 475 10.96 -0.30 7.45
N GLY A 476 10.78 -1.54 6.99
CA GLY A 476 11.64 -2.07 5.95
C GLY A 476 11.51 -1.31 4.65
N GLY A 477 10.28 -0.93 4.29
CA GLY A 477 10.10 -0.12 3.09
C GLY A 477 10.86 1.19 3.17
N ILE A 478 10.87 1.80 4.35
CA ILE A 478 11.61 3.06 4.53
C ILE A 478 13.11 2.82 4.42
N ILE A 479 13.61 1.76 5.06
CA ILE A 479 15.04 1.63 5.23
C ILE A 479 15.73 1.05 4.00
N THR A 480 15.04 0.21 3.23
CA THR A 480 15.73 -0.54 2.18
C THR A 480 16.48 0.32 1.16
N PRO A 481 15.96 1.47 0.71
CA PRO A 481 16.71 2.21 -0.33
C PRO A 481 18.11 2.60 0.12
N PHE A 482 18.25 3.09 1.35
CA PHE A 482 19.56 3.46 1.85
C PHE A 482 20.47 2.23 1.93
N LEU A 483 19.93 1.10 2.38
CA LEU A 483 20.74 -0.11 2.49
C LEU A 483 21.26 -0.53 1.12
N VAL A 484 20.39 -0.54 0.11
CA VAL A 484 20.81 -1.00 -1.21
C VAL A 484 21.81 -0.01 -1.82
N PHE A 485 21.61 1.29 -1.60
CA PHE A 485 22.58 2.27 -2.10
C PHE A 485 23.94 2.08 -1.45
N ARG A 486 23.97 1.95 -0.12
CA ARG A 486 25.24 1.81 0.58
C ARG A 486 25.96 0.52 0.17
N LEU A 487 25.25 -0.60 0.15
CA LEU A 487 25.89 -1.88 -0.13
C LEU A 487 26.46 -1.91 -1.54
N MET A 488 25.75 -1.32 -2.50
CA MET A 488 26.25 -1.29 -3.87
C MET A 488 27.65 -0.71 -3.94
N GLU A 489 27.93 0.31 -3.13
CA GLU A 489 29.25 0.95 -3.17
C GLU A 489 30.35 -0.04 -2.81
N VAL A 490 30.14 -0.83 -1.75
CA VAL A 490 31.16 -1.78 -1.33
C VAL A 490 31.41 -2.81 -2.43
N TRP A 491 30.36 -3.53 -2.82
CA TRP A 491 30.44 -4.55 -3.85
C TRP A 491 29.25 -4.42 -4.79
N GLN A 492 29.47 -4.75 -6.06
CA GLN A 492 28.42 -4.58 -7.05
C GLN A 492 27.24 -5.50 -6.76
N GLY A 493 27.50 -6.73 -6.34
CA GLY A 493 26.47 -7.72 -6.10
C GLY A 493 26.13 -7.97 -4.64
N LEU A 494 26.65 -7.18 -3.72
CA LEU A 494 26.38 -7.43 -2.30
C LEU A 494 24.89 -7.36 -1.97
N PRO A 495 24.12 -6.36 -2.43
CA PRO A 495 22.70 -6.32 -2.07
C PRO A 495 21.94 -7.56 -2.52
N LEU A 496 22.28 -8.11 -3.68
CA LEU A 496 21.57 -9.28 -4.18
C LEU A 496 21.75 -10.48 -3.26
N ILE A 497 22.99 -10.69 -2.78
CA ILE A 497 23.24 -11.76 -1.82
C ILE A 497 22.40 -11.55 -0.56
N LEU A 498 22.32 -10.31 -0.10
CA LEU A 498 21.54 -10.01 1.09
C LEU A 498 20.07 -10.36 0.88
N PHE A 499 19.51 -9.97 -0.25
CA PHE A 499 18.10 -10.28 -0.52
C PHE A 499 17.88 -11.78 -0.55
N THR A 500 18.77 -12.51 -1.23
CA THR A 500 18.58 -13.96 -1.35
C THR A 500 18.68 -14.65 0.01
N VAL A 501 19.64 -14.25 0.84
CA VAL A 501 19.77 -14.89 2.14
C VAL A 501 18.59 -14.53 3.04
N VAL A 502 18.11 -13.29 2.96
CA VAL A 502 16.93 -12.90 3.74
C VAL A 502 15.75 -13.78 3.34
N GLY A 503 15.52 -13.93 2.04
CA GLY A 503 14.41 -14.74 1.59
C GLY A 503 14.53 -16.20 2.03
N LEU A 504 15.72 -16.78 1.85
CA LEU A 504 15.90 -18.18 2.21
C LEU A 504 15.69 -18.40 3.71
N VAL A 505 16.25 -17.51 4.54
CA VAL A 505 16.13 -17.68 5.99
C VAL A 505 14.68 -17.50 6.42
N ALA A 506 13.97 -16.53 5.84
CA ALA A 506 12.56 -16.36 6.17
C ALA A 506 11.75 -17.59 5.77
N GLY A 507 12.00 -18.13 4.57
CA GLY A 507 11.30 -19.33 4.15
C GLY A 507 11.56 -20.51 5.08
N GLY A 508 12.82 -20.65 5.51
CA GLY A 508 13.12 -21.73 6.44
C GLY A 508 12.45 -21.55 7.79
N MET A 509 12.40 -20.31 8.29
CA MET A 509 11.83 -20.06 9.60
C MET A 509 10.32 -20.16 9.60
N THR A 510 9.68 -19.97 8.44
CA THR A 510 8.22 -20.07 8.37
C THR A 510 7.73 -21.45 8.80
N LEU A 511 8.49 -22.51 8.51
CA LEU A 511 8.01 -23.86 8.76
C LEU A 511 7.61 -24.06 10.22
N LEU A 512 8.33 -23.41 11.15
CA LEU A 512 8.07 -23.63 12.56
C LEU A 512 6.76 -23.01 13.03
N LEU A 513 6.11 -22.19 12.21
CA LEU A 513 4.86 -21.56 12.64
C LEU A 513 3.76 -22.61 12.66
N PRO A 514 2.98 -22.70 13.74
CA PRO A 514 1.92 -23.72 13.80
C PRO A 514 0.89 -23.55 12.69
N GLU A 515 0.36 -24.68 12.23
CA GLU A 515 -0.65 -24.66 11.17
C GLU A 515 -2.01 -24.29 11.73
N THR A 516 -2.85 -23.70 10.86
CA THR A 516 -4.18 -23.26 11.25
C THR A 516 -5.26 -23.77 10.29
N LYS A 517 -5.02 -24.88 9.62
CA LYS A 517 -5.99 -25.42 8.66
C LYS A 517 -7.23 -25.90 9.40
N GLY A 518 -8.36 -25.23 9.17
CA GLY A 518 -9.62 -25.69 9.70
C GLY A 518 -9.67 -25.84 11.20
N VAL A 519 -9.21 -24.83 11.93
CA VAL A 519 -9.28 -24.81 13.38
C VAL A 519 -9.88 -23.49 13.82
N ALA A 520 -10.83 -23.56 14.74
CA ALA A 520 -11.50 -22.35 15.21
C ALA A 520 -10.49 -21.36 15.78
N LEU A 521 -10.60 -20.11 15.37
CA LEU A 521 -9.65 -19.11 15.81
C LEU A 521 -9.78 -18.90 17.33
N PRO A 522 -8.67 -18.67 18.03
CA PRO A 522 -8.73 -18.64 19.50
C PRO A 522 -9.43 -17.40 20.02
N GLU A 523 -9.93 -17.52 21.24
CA GLU A 523 -10.55 -16.40 21.94
C GLU A 523 -9.96 -16.16 23.32
N THR A 524 -8.99 -16.97 23.74
CA THR A 524 -8.35 -16.83 25.04
C THR A 524 -6.86 -17.01 24.87
N ILE A 525 -6.06 -16.11 25.46
CA ILE A 525 -4.61 -16.18 25.31
C ILE A 525 -4.10 -17.53 25.80
N GLU A 526 -4.63 -18.01 26.93
CA GLU A 526 -4.23 -19.33 27.42
C GLU A 526 -4.56 -20.41 26.40
N ASP A 527 -5.74 -20.32 25.78
CA ASP A 527 -6.11 -21.28 24.75
C ASP A 527 -5.18 -21.21 23.56
N ALA A 528 -4.84 -20.00 23.12
CA ALA A 528 -3.93 -19.85 21.99
C ALA A 528 -2.54 -20.39 22.29
N GLU A 529 -2.13 -20.41 23.56
CA GLU A 529 -0.79 -20.90 23.89
C GLU A 529 -0.63 -22.37 23.50
N ASN A 530 -1.62 -23.19 23.81
CA ASN A 530 -1.58 -24.62 23.48
C ASN A 530 -2.23 -24.92 22.14
N LEU A 531 -2.20 -23.96 21.20
CA LEU A 531 -2.83 -24.19 19.90
C LEU A 531 -2.18 -25.36 19.17
N GLY A 532 -0.85 -25.43 19.21
CA GLY A 532 -0.17 -26.56 18.58
C GLY A 532 -0.43 -27.87 19.29
N ARG A 533 -0.50 -27.84 20.62
CA ARG A 533 -0.74 -29.05 21.40
C ARG A 533 -2.09 -29.66 21.06
C1 NAG B . 20.28 20.27 -32.85
C2 NAG B . 19.66 20.50 -34.20
C3 NAG B . 20.75 20.48 -35.26
C4 NAG B . 21.94 21.36 -34.87
C5 NAG B . 22.29 21.35 -33.37
C6 NAG B . 23.07 22.57 -32.92
C7 NAG B . 18.04 19.38 -35.69
C8 NAG B . 17.05 18.27 -35.81
N2 NAG B . 18.66 19.49 -34.50
O3 NAG B . 20.21 20.91 -36.50
O4 NAG B . 23.04 20.80 -35.59
O5 NAG B . 21.10 21.32 -32.54
O6 NAG B . 24.46 22.36 -32.97
O7 NAG B . 18.31 20.13 -36.61
H2 NAG B . 19.24 21.38 -34.20
H3 NAG B . 21.06 19.56 -35.36
H4 NAG B . 21.78 22.27 -35.18
H5 NAG B . 22.83 20.57 -33.20
H61 NAG B . 22.80 22.76 -31.99
H62 NAG B . 22.82 23.34 -33.47
H81 NAG B . 16.41 18.30 -35.07
H82 NAG B . 17.52 17.41 -35.79
H83 NAG B . 16.57 18.36 -36.66
HN2 NAG B . 18.43 18.90 -33.84
HO3 NAG B . 20.86 21.25 -36.99
HO6 NAG B . 24.87 23.03 -32.54
C1 NAG B . 24.14 21.63 -36.06
C2 NAG B . 23.87 22.01 -37.51
C3 NAG B . 25.07 22.80 -38.04
C4 NAG B . 25.35 23.99 -37.13
C5 NAG B . 25.44 23.56 -35.67
C6 NAG B . 25.48 24.74 -34.72
C7 NAG B . 23.37 20.90 -39.65
C8 NAG B . 23.11 19.59 -40.34
N2 NAG B . 23.61 20.84 -38.34
O3 NAG B . 24.81 23.27 -39.36
O4 NAG B . 26.54 24.65 -37.53
O5 NAG B . 24.29 22.80 -35.28
O6 NAG B . 24.52 25.71 -35.12
O7 NAG B . 23.35 21.96 -40.26
H2 NAG B . 23.09 22.59 -37.54
H3 NAG B . 25.86 22.23 -38.05
H4 NAG B . 24.59 24.59 -37.22
H5 NAG B . 26.24 23.00 -35.55
H61 NAG B . 26.38 25.15 -34.77
H62 NAG B . 25.32 24.44 -33.82
H81 NAG B . 22.18 19.35 -40.18
H82 NAG B . 23.69 18.91 -39.95
H83 NAG B . 23.28 19.66 -41.29
HN2 NAG B . 23.60 20.01 -37.94
HO3 NAG B . 25.55 23.19 -39.83
HO4 NAG B . 26.44 25.52 -37.43
HO6 NAG B . 24.76 26.52 -34.85
#